data_6RKX
#
_entry.id   6RKX
#
_cell.length_a   39.151
_cell.length_b   95.113
_cell.length_c   119.449
_cell.angle_alpha   90.00
_cell.angle_beta   90.00
_cell.angle_gamma   90.00
#
_symmetry.space_group_name_H-M   'P 21 21 21'
#
loop_
_entity.id
_entity.type
_entity.pdbx_description
1 polymer 'Arabino-oligosaccharids-binding protein'
2 branched alpha-L-arabinofuranose-(1-5)-alpha-L-arabinofuranose-(1-5)-alpha-L-arabinofuranose-(1-5)-alpha-L-arabinofuranose-(1-5)-alpha-L-arabinofuranose
3 non-polymer GLYCEROL
4 non-polymer 'CALCIUM ION'
5 water water
#
_entity_poly.entity_id   1
_entity_poly.type   'polypeptide(L)'
_entity_poly.pdbx_seq_one_letter_code
;HHHHHHNGNGEKIELTFMFRGQPQEQTAYKNVVKKFEEKHPNVKVNIVVTSPDQYATKLRAAIAGRKIPDVFYFNPGELR
AYVNSNVLLDITKYVENSKGVNLQDIWEKGVNKYRFDGEKVGQGNLYGLPKDLGPFALGYNKTMFEKAGIPLPDKDKPYT
WQEFIDVCKKLTKDTNGDGKLDQWGTGLNATWTLQGFVWSNGADWIDESKTKVTVDDPKFIEALQFFADMQNKYKVTPSI
AEAQTLDTYQRWLRGQLGFFPVGPWDLAAFDQQIKFEYDLIPWPAGSTGKPATWVGSLGIGVSSMTKHPKEAVELALYLS
ADPEGQKALVDQRVQLPNSVKVAEEWAKDPSIKPANKQEFLDIINDYGHSFPTEYTYNGEWYDEFYRNLQPVLDGKMSAE
EYVKKAKPKMQKLLDQAIEQEKQASKK
;
_entity_poly.pdbx_strand_id   A
#
# COMPACT_ATOMS: atom_id res chain seq x y z
N LYS A 12 27.71 3.54 23.04
CA LYS A 12 27.24 2.72 24.15
C LYS A 12 25.95 1.96 23.85
N ILE A 13 24.92 2.67 23.38
CA ILE A 13 23.59 2.08 23.16
C ILE A 13 23.42 1.45 21.78
N GLU A 14 22.80 0.28 21.73
CA GLU A 14 22.57 -0.39 20.44
C GLU A 14 21.10 -0.66 20.21
N LEU A 15 20.63 -0.27 19.03
CA LEU A 15 19.24 -0.52 18.67
C LEU A 15 19.17 -1.47 17.48
N THR A 16 18.27 -2.44 17.55
CA THR A 16 17.94 -3.21 16.37
C THR A 16 16.72 -2.57 15.68
N PHE A 17 16.91 -2.17 14.43
CA PHE A 17 15.81 -1.63 13.63
C PHE A 17 15.47 -2.63 12.53
N MET A 18 14.27 -3.16 12.59
CA MET A 18 13.86 -4.17 11.62
C MET A 18 12.83 -3.61 10.67
N PHE A 19 13.07 -3.74 9.36
CA PHE A 19 12.07 -3.26 8.43
C PHE A 19 12.15 -3.99 7.09
N ARG A 20 11.25 -3.60 6.20
CA ARG A 20 11.14 -4.17 4.86
C ARG A 20 11.20 -3.04 3.85
N GLY A 21 11.60 -3.35 2.63
CA GLY A 21 11.52 -2.39 1.55
C GLY A 21 12.04 -2.94 0.24
N GLN A 22 11.59 -2.36 -0.87
CA GLN A 22 12.20 -2.60 -2.16
C GLN A 22 13.63 -2.04 -2.14
N PRO A 23 14.49 -2.43 -3.08
CA PRO A 23 15.89 -2.04 -2.88
C PRO A 23 16.09 -0.51 -2.74
N GLN A 24 15.37 0.28 -3.52
CA GLN A 24 15.47 1.74 -3.39
C GLN A 24 15.02 2.20 -1.98
N GLU A 25 14.08 1.48 -1.36
CA GLU A 25 13.63 1.83 -0.03
C GLU A 25 14.68 1.48 1.03
N GLN A 26 15.26 0.29 0.89
CA GLN A 26 16.30 -0.18 1.81
C GLN A 26 17.44 0.84 1.84
N THR A 27 17.92 1.20 0.65
CA THR A 27 19.01 2.14 0.49
C THR A 27 18.66 3.45 1.19
N ALA A 28 17.42 3.90 1.00
CA ALA A 28 17.01 5.21 1.50
C ALA A 28 16.92 5.24 3.03
N TYR A 29 16.32 4.23 3.61
CA TYR A 29 16.18 4.20 5.05
C TYR A 29 17.54 3.96 5.73
N LYS A 30 18.40 3.17 5.10
CA LYS A 30 19.77 2.96 5.60
C LYS A 30 20.54 4.28 5.65
N ASN A 31 20.36 5.10 4.62
CA ASN A 31 20.96 6.42 4.63
C ASN A 31 20.39 7.26 5.76
N VAL A 32 19.08 7.17 5.98
CA VAL A 32 18.46 8.04 6.97
C VAL A 32 18.85 7.58 8.38
N VAL A 33 18.97 6.28 8.57
CA VAL A 33 19.50 5.75 9.84
C VAL A 33 20.94 6.24 10.12
N LYS A 34 21.81 6.30 9.10
CA LYS A 34 23.15 6.89 9.27
C LYS A 34 23.03 8.35 9.72
N LYS A 35 22.11 9.09 9.12
CA LYS A 35 21.83 10.47 9.53
C LYS A 35 21.40 10.51 11.00
N PHE A 36 20.59 9.53 11.40
CA PHE A 36 20.18 9.45 12.79
C PHE A 36 21.37 9.24 13.70
N GLU A 37 22.29 8.37 13.28
CA GLU A 37 23.44 8.02 14.08
C GLU A 37 24.43 9.18 14.19
N GLU A 38 24.58 9.93 13.11
CA GLU A 38 25.41 11.11 13.17
C GLU A 38 24.81 12.07 14.19
N LYS A 39 23.49 12.20 14.18
CA LYS A 39 22.80 13.10 15.10
C LYS A 39 22.89 12.62 16.55
N HIS A 40 22.84 11.31 16.75
CA HIS A 40 22.94 10.70 18.07
C HIS A 40 24.09 9.71 18.09
N PRO A 41 25.32 10.21 18.32
CA PRO A 41 26.59 9.47 18.18
C PRO A 41 26.75 8.33 19.19
N ASN A 42 25.91 8.31 20.21
CA ASN A 42 25.98 7.26 21.21
C ASN A 42 25.02 6.11 20.91
N VAL A 43 24.23 6.25 19.84
CA VAL A 43 23.29 5.21 19.47
C VAL A 43 23.69 4.55 18.16
N LYS A 44 23.95 3.24 18.22
CA LYS A 44 24.30 2.46 17.04
C LYS A 44 23.11 1.59 16.65
N VAL A 45 22.71 1.66 15.39
CA VAL A 45 21.49 0.98 14.95
C VAL A 45 21.83 -0.21 14.07
N ASN A 46 21.59 -1.41 14.60
CA ASN A 46 21.77 -2.67 13.88
C ASN A 46 20.53 -2.94 13.01
N ILE A 47 20.75 -3.10 11.71
CA ILE A 47 19.62 -3.14 10.79
C ILE A 47 19.31 -4.57 10.36
N VAL A 48 18.04 -4.90 10.41
CA VAL A 48 17.56 -6.16 9.87
C VAL A 48 16.53 -5.80 8.84
N VAL A 49 16.86 -6.03 7.57
CA VAL A 49 15.98 -5.58 6.50
C VAL A 49 15.70 -6.76 5.59
N THR A 50 14.49 -6.78 5.04
CA THR A 50 14.05 -7.83 4.14
C THR A 50 13.32 -7.25 2.94
N SER A 51 12.97 -8.10 1.99
CA SER A 51 12.06 -7.70 0.94
CA SER A 51 12.05 -7.73 0.94
C SER A 51 10.64 -7.66 1.51
N PRO A 52 9.74 -6.90 0.87
CA PRO A 52 8.36 -6.84 1.39
C PRO A 52 7.76 -8.22 1.61
N ASP A 53 8.07 -9.20 0.77
CA ASP A 53 7.43 -10.52 0.86
C ASP A 53 7.94 -11.38 2.02
N GLN A 54 9.20 -11.22 2.39
CA GLN A 54 9.78 -12.04 3.46
C GLN A 54 9.46 -11.51 4.86
N TYR A 55 8.97 -10.28 4.93
CA TYR A 55 8.94 -9.56 6.21
C TYR A 55 8.01 -10.14 7.27
N ALA A 56 6.76 -10.42 6.90
CA ALA A 56 5.76 -10.87 7.86
C ALA A 56 6.20 -12.14 8.60
N THR A 57 6.78 -13.07 7.85
CA THR A 57 7.26 -14.34 8.41
C THR A 57 8.42 -14.11 9.35
N LYS A 58 9.32 -13.21 8.99
CA LYS A 58 10.45 -12.94 9.86
C LYS A 58 10.01 -12.21 11.14
N LEU A 59 9.18 -11.18 10.99
CA LEU A 59 8.67 -10.48 12.17
C LEU A 59 7.87 -11.43 13.08
N ARG A 60 7.08 -12.31 12.48
CA ARG A 60 6.28 -13.29 13.22
C ARG A 60 7.15 -14.29 14.00
N ALA A 61 8.29 -14.66 13.43
CA ALA A 61 9.21 -15.56 14.10
C ALA A 61 9.82 -14.87 15.31
N ALA A 62 10.20 -13.60 15.11
CA ALA A 62 10.83 -12.83 16.16
C ALA A 62 9.86 -12.66 17.32
N ILE A 63 8.61 -12.35 16.99
CA ILE A 63 7.59 -12.15 18.02
C ILE A 63 7.29 -13.47 18.72
N ALA A 64 7.27 -14.57 17.96
CA ALA A 64 6.99 -15.89 18.50
C ALA A 64 8.03 -16.30 19.56
N GLY A 65 9.29 -16.03 19.26
CA GLY A 65 10.37 -16.30 20.19
C GLY A 65 10.57 -15.20 21.23
N ARG A 66 9.73 -14.18 21.18
CA ARG A 66 9.83 -13.00 22.05
C ARG A 66 11.24 -12.40 22.00
N LYS A 67 11.85 -12.45 20.81
CA LYS A 67 13.10 -11.75 20.51
C LYS A 67 12.78 -10.57 19.62
N ILE A 68 12.16 -9.55 20.18
CA ILE A 68 11.57 -8.50 19.37
C ILE A 68 12.54 -7.34 19.13
N PRO A 69 12.71 -6.95 17.86
CA PRO A 69 13.53 -5.78 17.51
C PRO A 69 13.12 -4.53 18.26
N ASP A 70 14.09 -3.67 18.58
CA ASP A 70 13.79 -2.44 19.29
C ASP A 70 12.78 -1.58 18.54
N VAL A 71 13.03 -1.38 17.26
CA VAL A 71 12.15 -0.59 16.41
C VAL A 71 11.80 -1.45 15.20
N PHE A 72 10.54 -1.48 14.78
CA PHE A 72 10.19 -2.31 13.65
C PHE A 72 8.95 -1.86 12.89
N TYR A 73 8.95 -2.10 11.58
CA TYR A 73 7.74 -1.95 10.77
C TYR A 73 6.66 -2.92 11.21
N PHE A 74 5.40 -2.48 11.21
CA PHE A 74 4.33 -3.45 11.41
C PHE A 74 3.03 -3.03 10.73
N ASN A 75 2.18 -4.01 10.47
CA ASN A 75 0.91 -3.80 9.79
C ASN A 75 -0.12 -3.19 10.74
N PRO A 76 -0.81 -2.11 10.30
CA PRO A 76 -1.81 -1.46 11.16
C PRO A 76 -2.89 -2.46 11.62
N GLY A 77 -3.28 -3.36 10.73
CA GLY A 77 -4.24 -4.40 11.07
C GLY A 77 -3.83 -5.30 12.22
N GLU A 78 -2.58 -5.25 12.65
CA GLU A 78 -2.19 -6.08 13.78
C GLU A 78 -1.95 -5.32 15.07
N LEU A 79 -2.29 -4.03 15.05
CA LEU A 79 -2.15 -3.17 16.23
C LEU A 79 -2.81 -3.78 17.48
N ARG A 80 -4.09 -4.10 17.38
CA ARG A 80 -4.82 -4.65 18.52
C ARG A 80 -4.23 -5.97 19.02
N ALA A 81 -3.95 -6.87 18.09
CA ALA A 81 -3.30 -8.13 18.44
C ALA A 81 -1.96 -7.90 19.15
N TYR A 82 -1.19 -6.94 18.65
CA TYR A 82 0.11 -6.62 19.23
C TYR A 82 -0.04 -6.00 20.62
N VAL A 83 -1.09 -5.22 20.81
CA VAL A 83 -1.32 -4.57 22.09
C VAL A 83 -1.71 -5.64 23.12
N ASN A 84 -2.60 -6.54 22.74
CA ASN A 84 -3.03 -7.63 23.63
C ASN A 84 -1.90 -8.60 23.96
N SER A 85 -0.99 -8.82 23.01
CA SER A 85 0.13 -9.75 23.22
C SER A 85 1.32 -9.06 23.88
N ASN A 86 1.15 -7.77 24.18
CA ASN A 86 2.20 -6.96 24.79
C ASN A 86 3.44 -6.91 23.89
N VAL A 87 3.23 -6.67 22.59
CA VAL A 87 4.34 -6.60 21.65
C VAL A 87 4.83 -5.16 21.51
N LEU A 88 3.90 -4.21 21.46
CA LEU A 88 4.22 -2.80 21.24
C LEU A 88 4.26 -1.98 22.51
N LEU A 89 5.37 -1.28 22.72
CA LEU A 89 5.45 -0.36 23.85
C LEU A 89 4.49 0.80 23.68
N ASP A 90 3.93 1.25 24.79
CA ASP A 90 3.13 2.47 24.80
C ASP A 90 4.11 3.63 24.77
N ILE A 91 4.13 4.35 23.65
CA ILE A 91 5.17 5.36 23.45
C ILE A 91 4.65 6.77 23.68
N THR A 92 3.43 6.87 24.18
CA THR A 92 2.75 8.17 24.24
C THR A 92 3.58 9.23 24.93
N LYS A 93 4.03 8.91 26.15
CA LYS A 93 4.75 9.86 26.98
C LYS A 93 6.12 10.21 26.42
N TYR A 94 6.76 9.30 25.70
CA TYR A 94 8.04 9.63 25.07
C TYR A 94 7.85 10.61 23.93
N VAL A 95 6.72 10.49 23.23
CA VAL A 95 6.42 11.33 22.07
C VAL A 95 6.01 12.73 22.51
N GLU A 96 5.33 12.82 23.66
CA GLU A 96 4.89 14.12 24.20
C GLU A 96 6.06 14.92 24.76
N ASN A 97 7.09 14.23 25.23
CA ASN A 97 8.24 14.83 25.89
C ASN A 97 9.33 15.20 24.91
N SER A 98 9.20 14.72 23.68
CA SER A 98 10.24 14.90 22.67
C SER A 98 10.32 16.34 22.14
N LYS A 99 11.55 16.81 22.04
CA LYS A 99 11.87 18.19 21.67
C LYS A 99 11.36 18.58 20.27
N GLY A 100 10.47 19.57 20.23
CA GLY A 100 10.04 20.16 18.98
C GLY A 100 8.86 19.51 18.29
N VAL A 101 8.91 18.19 18.16
CA VAL A 101 7.95 17.41 17.37
C VAL A 101 6.49 17.73 17.73
N ASN A 102 5.67 17.82 16.71
CA ASN A 102 4.25 18.08 16.90
C ASN A 102 3.46 17.25 15.89
N LEU A 103 3.19 15.99 16.24
CA LEU A 103 2.61 15.05 15.29
C LEU A 103 1.17 15.45 14.95
N GLN A 104 0.74 16.59 15.46
CA GLN A 104 -0.52 17.16 15.05
C GLN A 104 -0.33 17.67 13.61
N ASP A 105 0.91 17.97 13.24
CA ASP A 105 1.30 18.29 11.85
C ASP A 105 1.20 17.11 10.88
N ILE A 106 1.39 15.92 11.44
CA ILE A 106 1.35 14.68 10.69
C ILE A 106 -0.09 14.35 10.29
N TRP A 107 -0.27 13.71 9.13
CA TRP A 107 -1.58 13.22 8.71
C TRP A 107 -2.31 12.60 9.87
N GLU A 108 -3.51 13.07 10.16
CA GLU A 108 -4.28 12.50 11.26
C GLU A 108 -4.67 11.04 10.96
N LYS A 109 -5.04 10.74 9.71
CA LYS A 109 -5.38 9.37 9.33
C LYS A 109 -4.21 8.39 9.55
N GLY A 110 -2.99 8.91 9.48
CA GLY A 110 -1.81 8.08 9.66
C GLY A 110 -1.51 7.86 11.13
N VAL A 111 -1.48 8.96 11.89
CA VAL A 111 -1.25 8.86 13.32
C VAL A 111 -2.30 7.99 14.01
N ASN A 112 -3.58 8.22 13.69
CA ASN A 112 -4.68 7.54 14.36
C ASN A 112 -4.72 6.02 14.17
N LYS A 113 -4.08 5.53 13.13
CA LYS A 113 -4.03 4.09 12.89
C LYS A 113 -3.31 3.39 14.02
N TYR A 114 -2.45 4.10 14.74
CA TYR A 114 -1.58 3.45 15.73
C TYR A 114 -1.87 3.91 17.16
N ARG A 115 -3.04 4.51 17.34
CA ARG A 115 -3.60 4.87 18.64
C ARG A 115 -4.57 3.78 19.09
N PHE A 116 -4.62 3.49 20.39
CA PHE A 116 -5.53 2.45 20.92
C PHE A 116 -5.84 2.74 22.37
N ASP A 117 -7.12 2.90 22.68
CA ASP A 117 -7.53 3.31 24.03
C ASP A 117 -7.88 2.12 24.95
N GLY A 118 -7.58 0.91 24.49
CA GLY A 118 -7.90 -0.29 25.23
C GLY A 118 -9.07 -1.04 24.62
N GLU A 119 -9.82 -0.37 23.75
CA GLU A 119 -11.03 -0.96 23.18
C GLU A 119 -11.20 -0.71 21.68
N LYS A 120 -10.91 0.48 21.23
CA LYS A 120 -11.04 0.76 19.82
C LYS A 120 -9.78 1.41 19.30
N VAL A 121 -9.43 1.10 18.07
CA VAL A 121 -8.27 1.71 17.48
C VAL A 121 -8.68 3.07 17.03
N GLY A 122 -7.80 4.03 17.05
CA GLY A 122 -8.17 5.32 16.54
C GLY A 122 -8.17 6.47 17.47
N GLN A 123 -8.11 6.13 18.72
CA GLN A 123 -8.04 7.09 19.76
C GLN A 123 -7.22 6.52 20.85
N GLY A 124 -6.70 7.41 21.64
CA GLY A 124 -6.02 6.98 22.84
C GLY A 124 -4.52 6.95 22.71
N ASN A 125 -3.88 6.06 23.47
CA ASN A 125 -2.44 6.07 23.54
C ASN A 125 -1.75 5.56 22.27
N LEU A 126 -0.54 6.07 22.03
CA LEU A 126 0.25 5.73 20.86
C LEU A 126 1.02 4.45 21.08
N TYR A 127 0.84 3.51 20.15
CA TYR A 127 1.60 2.27 20.18
C TYR A 127 2.48 2.18 18.95
N GLY A 128 2.61 3.30 18.24
CA GLY A 128 3.49 3.36 17.09
C GLY A 128 3.31 4.69 16.36
N LEU A 129 4.15 4.91 15.37
CA LEU A 129 4.13 6.12 14.57
C LEU A 129 4.02 5.72 13.11
N PRO A 130 3.25 6.50 12.33
CA PRO A 130 3.08 6.13 10.92
C PRO A 130 4.38 6.26 10.13
N LYS A 131 4.78 5.19 9.43
CA LYS A 131 5.90 5.28 8.50
C LYS A 131 5.56 6.29 7.40
N ASP A 132 4.33 6.19 6.90
CA ASP A 132 3.85 7.02 5.80
C ASP A 132 2.35 6.79 5.66
N LEU A 133 1.75 7.54 4.74
CA LEU A 133 0.53 7.11 4.10
C LEU A 133 0.86 6.80 2.66
N GLY A 134 0.31 5.69 2.15
CA GLY A 134 0.65 5.23 0.82
C GLY A 134 -0.52 5.12 -0.12
N PRO A 135 -0.98 6.28 -0.63
CA PRO A 135 -2.03 6.29 -1.65
C PRO A 135 -1.56 5.58 -2.91
N PHE A 136 -2.39 4.71 -3.46
CA PHE A 136 -2.01 3.90 -4.60
C PHE A 136 -2.68 4.47 -5.84
N ALA A 137 -1.97 5.32 -6.56
CA ALA A 137 -2.54 6.06 -7.66
C ALA A 137 -2.48 5.26 -8.95
N LEU A 138 -3.24 5.71 -9.94
CA LEU A 138 -3.12 5.14 -11.27
C LEU A 138 -2.26 6.05 -12.16
N GLY A 139 -1.25 5.46 -12.77
CA GLY A 139 -0.42 6.21 -13.69
C GLY A 139 -0.74 5.80 -15.11
N TYR A 140 -0.49 6.70 -16.04
CA TYR A 140 -0.58 6.36 -17.45
C TYR A 140 0.67 6.82 -18.16
N ASN A 141 0.97 6.16 -19.26
CA ASN A 141 2.14 6.43 -20.07
C ASN A 141 1.81 7.54 -21.08
N LYS A 142 2.17 8.77 -20.74
CA LYS A 142 1.85 9.93 -21.58
C LYS A 142 2.56 9.88 -22.94
N THR A 143 3.80 9.39 -22.94
CA THR A 143 4.57 9.25 -24.15
C THR A 143 3.82 8.33 -25.12
N MET A 144 3.22 7.28 -24.57
CA MET A 144 2.56 6.28 -25.41
C MET A 144 1.26 6.83 -25.98
N PHE A 145 0.44 7.44 -25.12
CA PHE A 145 -0.78 8.15 -25.55
C PHE A 145 -0.49 9.11 -26.70
N GLU A 146 0.59 9.87 -26.56
CA GLU A 146 0.88 10.93 -27.53
C GLU A 146 1.41 10.39 -28.86
N LYS A 147 2.23 9.36 -28.81
CA LYS A 147 2.67 8.67 -30.02
C LYS A 147 1.48 8.00 -30.74
N ALA A 148 0.45 7.63 -30.00
CA ALA A 148 -0.73 6.99 -30.60
C ALA A 148 -1.87 7.95 -30.95
N GLY A 149 -1.70 9.23 -30.61
CA GLY A 149 -2.71 10.22 -30.96
C GLY A 149 -4.01 10.11 -30.19
N ILE A 150 -3.93 9.42 -29.05
CA ILE A 150 -5.10 9.24 -28.22
C ILE A 150 -5.20 10.41 -27.26
N PRO A 151 -6.40 10.99 -27.15
CA PRO A 151 -6.66 12.06 -26.19
C PRO A 151 -6.26 11.67 -24.78
N LEU A 152 -5.59 12.56 -24.07
CA LEU A 152 -5.08 12.25 -22.74
C LEU A 152 -6.21 11.98 -21.75
N PRO A 153 -5.94 11.14 -20.75
CA PRO A 153 -6.93 10.91 -19.71
C PRO A 153 -7.18 12.19 -18.94
N ASP A 154 -8.40 12.40 -18.46
CA ASP A 154 -8.70 13.56 -17.63
C ASP A 154 -8.13 13.38 -16.23
N LYS A 155 -7.59 14.46 -15.67
CA LYS A 155 -6.86 14.35 -14.43
C LYS A 155 -7.78 14.35 -13.21
N ASP A 156 -9.07 14.62 -13.43
CA ASP A 156 -10.08 14.64 -12.35
C ASP A 156 -11.22 13.66 -12.62
N LYS A 157 -11.64 13.56 -13.88
CA LYS A 157 -12.83 12.77 -14.24
C LYS A 157 -12.45 11.34 -14.61
N PRO A 158 -12.81 10.39 -13.74
CA PRO A 158 -12.45 8.99 -14.03
C PRO A 158 -13.07 8.49 -15.32
N TYR A 159 -12.33 7.72 -16.11
CA TYR A 159 -12.93 6.85 -17.11
C TYR A 159 -14.02 6.01 -16.46
N THR A 160 -15.09 5.74 -17.21
CA THR A 160 -15.95 4.61 -16.89
C THR A 160 -15.20 3.32 -17.23
N TRP A 161 -15.69 2.18 -16.75
CA TRP A 161 -15.05 0.89 -17.04
C TRP A 161 -15.04 0.65 -18.55
N GLN A 162 -16.16 0.97 -19.19
CA GLN A 162 -16.29 0.82 -20.63
C GLN A 162 -15.27 1.68 -21.34
N GLU A 163 -15.19 2.95 -20.95
CA GLU A 163 -14.23 3.87 -21.54
C GLU A 163 -12.78 3.38 -21.35
N PHE A 164 -12.50 2.84 -20.17
CA PHE A 164 -11.18 2.33 -19.83
C PHE A 164 -10.77 1.19 -20.76
N ILE A 165 -11.67 0.23 -20.96
CA ILE A 165 -11.38 -0.85 -21.89
C ILE A 165 -11.26 -0.29 -23.31
N ASP A 166 -12.10 0.68 -23.64
CA ASP A 166 -12.04 1.25 -24.98
C ASP A 166 -10.65 1.84 -25.25
N VAL A 167 -10.13 2.59 -24.29
CA VAL A 167 -8.82 3.22 -24.47
C VAL A 167 -7.72 2.16 -24.42
N CYS A 168 -7.86 1.21 -23.51
CA CYS A 168 -6.88 0.15 -23.42
C CYS A 168 -6.73 -0.61 -24.73
N LYS A 169 -7.87 -0.88 -25.37
CA LYS A 169 -7.85 -1.61 -26.63
C LYS A 169 -7.11 -0.83 -27.70
N LYS A 170 -7.40 0.46 -27.80
CA LYS A 170 -6.66 1.32 -28.71
C LYS A 170 -5.15 1.24 -28.45
N LEU A 171 -4.75 1.11 -27.19
CA LEU A 171 -3.33 1.14 -26.85
C LEU A 171 -2.66 -0.22 -27.08
N THR A 172 -3.48 -1.26 -27.22
CA THR A 172 -2.96 -2.60 -27.47
C THR A 172 -2.67 -2.79 -28.95
N LYS A 173 -1.38 -2.97 -29.27
CA LYS A 173 -0.96 -3.01 -30.66
C LYS A 173 0.45 -3.56 -30.86
N ASP A 174 0.70 -3.98 -32.10
CA ASP A 174 2.02 -4.35 -32.57
C ASP A 174 2.68 -3.08 -33.10
N THR A 175 3.56 -2.47 -32.30
CA THR A 175 4.13 -1.18 -32.66
C THR A 175 5.38 -1.28 -33.54
N ASN A 176 6.10 -2.39 -33.48
CA ASN A 176 7.31 -2.50 -34.28
C ASN A 176 7.05 -3.20 -35.62
N GLY A 177 5.81 -3.63 -35.82
CA GLY A 177 5.38 -4.15 -37.10
C GLY A 177 5.91 -5.53 -37.46
N ASP A 178 6.19 -6.35 -36.45
CA ASP A 178 6.69 -7.70 -36.71
C ASP A 178 5.55 -8.72 -36.69
N GLY A 179 4.33 -8.21 -36.52
CA GLY A 179 3.14 -9.05 -36.50
C GLY A 179 2.71 -9.46 -35.10
N LYS A 180 3.53 -9.17 -34.10
CA LYS A 180 3.22 -9.58 -32.73
C LYS A 180 2.87 -8.38 -31.84
N LEU A 181 1.81 -8.49 -31.03
CA LEU A 181 1.52 -7.44 -30.06
C LEU A 181 2.73 -7.24 -29.15
N ASP A 182 3.11 -5.99 -28.94
CA ASP A 182 4.28 -5.69 -28.12
C ASP A 182 3.99 -4.51 -27.20
N GLN A 183 2.72 -4.10 -27.16
CA GLN A 183 2.26 -2.98 -26.37
C GLN A 183 0.80 -3.21 -25.99
N TRP A 184 0.46 -2.92 -24.74
CA TRP A 184 -0.84 -3.29 -24.19
C TRP A 184 -1.44 -2.19 -23.34
N GLY A 185 -2.76 -2.19 -23.21
CA GLY A 185 -3.45 -1.17 -22.44
C GLY A 185 -2.93 -1.10 -21.01
N THR A 186 -2.81 -2.26 -20.38
CA THR A 186 -2.45 -2.32 -18.96
C THR A 186 -2.06 -3.77 -18.59
N GLY A 187 -1.80 -4.02 -17.31
CA GLY A 187 -1.59 -5.38 -16.84
C GLY A 187 -1.66 -5.35 -15.33
N LEU A 188 -2.85 -5.14 -14.79
CA LEU A 188 -2.97 -4.84 -13.38
C LEU A 188 -2.85 -6.12 -12.54
N ASN A 189 -2.07 -6.01 -11.46
CA ASN A 189 -1.91 -7.06 -10.45
C ASN A 189 -3.09 -7.07 -9.49
N ALA A 190 -3.88 -8.14 -9.55
CA ALA A 190 -5.07 -8.26 -8.75
C ALA A 190 -4.81 -8.08 -7.25
N THR A 191 -3.62 -8.44 -6.79
CA THR A 191 -3.32 -8.37 -5.37
C THR A 191 -3.41 -6.94 -4.93
N TRP A 192 -3.00 -6.03 -5.81
CA TRP A 192 -2.93 -4.62 -5.41
C TRP A 192 -3.91 -3.67 -6.11
N THR A 193 -4.62 -4.15 -7.12
CA THR A 193 -5.46 -3.26 -7.89
C THR A 193 -6.92 -3.71 -7.97
N LEU A 194 -7.26 -4.87 -7.40
CA LEU A 194 -8.67 -5.30 -7.44
C LEU A 194 -9.59 -4.46 -6.53
N GLN A 195 -9.07 -4.06 -5.37
CA GLN A 195 -9.81 -3.26 -4.39
C GLN A 195 -10.61 -2.10 -5.02
N GLY A 196 -9.93 -1.24 -5.77
CA GLY A 196 -10.56 -0.07 -6.35
C GLY A 196 -11.77 -0.40 -7.21
N PHE A 197 -11.65 -1.42 -8.04
CA PHE A 197 -12.79 -1.83 -8.86
C PHE A 197 -13.93 -2.35 -8.02
N VAL A 198 -13.59 -3.10 -7.00
CA VAL A 198 -14.62 -3.63 -6.11
C VAL A 198 -15.34 -2.48 -5.40
N TRP A 199 -14.54 -1.64 -4.75
CA TRP A 199 -15.06 -0.50 -4.02
C TRP A 199 -15.84 0.45 -4.94
N SER A 200 -15.26 0.78 -6.09
CA SER A 200 -15.91 1.66 -7.06
C SER A 200 -17.25 1.13 -7.54
N ASN A 201 -17.40 -0.17 -7.46
CA ASN A 201 -18.63 -0.81 -7.88
C ASN A 201 -19.58 -1.02 -6.72
N GLY A 202 -19.26 -0.41 -5.58
CA GLY A 202 -20.14 -0.41 -4.44
C GLY A 202 -20.12 -1.71 -3.65
N ALA A 203 -18.99 -2.41 -3.71
CA ALA A 203 -18.85 -3.67 -3.00
C ALA A 203 -17.67 -3.62 -2.02
N ASP A 204 -17.42 -4.73 -1.35
CA ASP A 204 -16.27 -4.87 -0.45
C ASP A 204 -16.17 -6.33 -0.04
N TRP A 205 -15.04 -6.70 0.53
CA TRP A 205 -14.84 -8.07 1.00
C TRP A 205 -15.74 -8.39 2.18
N ILE A 206 -15.99 -7.40 3.03
CA ILE A 206 -16.80 -7.63 4.20
C ILE A 206 -17.85 -6.52 4.36
N ASP A 207 -18.84 -6.78 5.21
CA ASP A 207 -19.94 -5.84 5.40
C ASP A 207 -19.55 -4.65 6.27
N GLU A 208 -20.50 -3.71 6.43
CA GLU A 208 -20.31 -2.52 7.26
C GLU A 208 -19.80 -2.86 8.67
N SER A 209 -20.33 -3.95 9.25
CA SER A 209 -19.97 -4.33 10.61
C SER A 209 -18.57 -4.93 10.67
N LYS A 210 -18.01 -5.28 9.51
CA LYS A 210 -16.72 -5.97 9.43
C LYS A 210 -16.73 -7.38 10.07
N THR A 211 -17.85 -8.07 10.00
CA THR A 211 -17.94 -9.39 10.62
C THR A 211 -18.51 -10.42 9.67
N LYS A 212 -19.02 -9.96 8.52
CA LYS A 212 -19.61 -10.84 7.55
C LYS A 212 -18.91 -10.72 6.18
N VAL A 213 -18.41 -11.83 5.66
CA VAL A 213 -17.81 -11.84 4.33
C VAL A 213 -18.89 -11.60 3.25
N THR A 214 -18.62 -10.66 2.35
CA THR A 214 -19.60 -10.26 1.36
C THR A 214 -19.08 -10.34 -0.08
N VAL A 215 -18.14 -11.27 -0.32
CA VAL A 215 -17.55 -11.42 -1.64
C VAL A 215 -18.53 -12.05 -2.62
N ASP A 216 -19.65 -12.61 -2.14
CA ASP A 216 -20.62 -13.21 -3.06
C ASP A 216 -21.71 -12.19 -3.45
N ASP A 217 -21.60 -10.97 -2.95
CA ASP A 217 -22.37 -9.84 -3.45
C ASP A 217 -22.18 -9.76 -4.97
N PRO A 218 -23.29 -9.64 -5.72
CA PRO A 218 -23.23 -9.49 -7.18
C PRO A 218 -22.32 -8.34 -7.64
N LYS A 219 -22.28 -7.25 -6.88
CA LYS A 219 -21.40 -6.16 -7.24
C LYS A 219 -19.93 -6.58 -7.10
N PHE A 220 -19.63 -7.39 -6.09
CA PHE A 220 -18.26 -7.88 -5.93
C PHE A 220 -17.88 -8.75 -7.13
N ILE A 221 -18.74 -9.74 -7.39
CA ILE A 221 -18.59 -10.63 -8.53
C ILE A 221 -18.37 -9.86 -9.85
N GLU A 222 -19.21 -8.87 -10.14
CA GLU A 222 -19.09 -8.10 -11.37
C GLU A 222 -17.73 -7.43 -11.46
N ALA A 223 -17.26 -6.90 -10.34
CA ALA A 223 -15.96 -6.27 -10.30
C ALA A 223 -14.85 -7.31 -10.52
N LEU A 224 -15.00 -8.47 -9.88
CA LEU A 224 -13.98 -9.50 -10.03
C LEU A 224 -13.92 -10.03 -11.44
N GLN A 225 -15.09 -10.27 -12.03
CA GLN A 225 -15.13 -10.77 -13.40
C GLN A 225 -14.59 -9.71 -14.36
N PHE A 226 -14.99 -8.47 -14.15
CA PHE A 226 -14.47 -7.39 -14.96
C PHE A 226 -12.95 -7.39 -14.92
N PHE A 227 -12.40 -7.64 -13.73
CA PHE A 227 -10.96 -7.55 -13.56
C PHE A 227 -10.26 -8.64 -14.35
N ALA A 228 -10.71 -9.88 -14.21
CA ALA A 228 -10.12 -11.00 -14.91
C ALA A 228 -10.28 -10.82 -16.42
N ASP A 229 -11.42 -10.26 -16.82
CA ASP A 229 -11.78 -10.14 -18.23
C ASP A 229 -10.81 -9.21 -18.95
N MET A 230 -10.14 -8.33 -18.21
CA MET A 230 -9.18 -7.45 -18.85
C MET A 230 -8.14 -8.31 -19.55
N GLN A 231 -7.74 -9.38 -18.90
CA GLN A 231 -6.75 -10.27 -19.48
C GLN A 231 -7.35 -11.28 -20.45
N ASN A 232 -8.49 -11.84 -20.08
CA ASN A 232 -8.97 -13.01 -20.77
C ASN A 232 -9.94 -12.74 -21.90
N LYS A 233 -10.76 -11.71 -21.73
CA LYS A 233 -11.88 -11.45 -22.64
C LYS A 233 -11.64 -10.18 -23.43
N TYR A 234 -11.35 -9.08 -22.73
CA TYR A 234 -11.06 -7.83 -23.39
C TYR A 234 -9.66 -7.83 -24.01
N LYS A 235 -8.76 -8.60 -23.42
CA LYS A 235 -7.42 -8.80 -23.95
C LYS A 235 -6.66 -7.48 -24.14
N VAL A 236 -6.71 -6.63 -23.11
CA VAL A 236 -5.96 -5.39 -23.15
C VAL A 236 -4.71 -5.48 -22.28
N THR A 237 -4.30 -6.72 -22.00
CA THR A 237 -3.09 -6.99 -21.22
C THR A 237 -2.20 -7.97 -21.99
N PRO A 238 -0.91 -8.08 -21.60
CA PRO A 238 -0.14 -9.19 -22.15
C PRO A 238 -0.82 -10.51 -21.82
N SER A 239 -0.57 -11.54 -22.63
CA SER A 239 -1.16 -12.83 -22.39
C SER A 239 -0.61 -13.43 -21.11
N ILE A 240 -1.26 -14.49 -20.65
CA ILE A 240 -0.82 -15.20 -19.47
C ILE A 240 0.65 -15.60 -19.63
N ALA A 241 1.00 -16.16 -20.79
CA ALA A 241 2.37 -16.57 -21.08
C ALA A 241 3.34 -15.39 -21.07
N GLU A 242 2.88 -14.24 -21.56
CA GLU A 242 3.79 -13.11 -21.67
C GLU A 242 4.10 -12.53 -20.29
N ALA A 243 3.09 -12.45 -19.44
CA ALA A 243 3.29 -11.89 -18.11
C ALA A 243 4.12 -12.87 -17.27
N GLN A 244 4.02 -14.14 -17.63
CA GLN A 244 4.84 -15.17 -17.02
C GLN A 244 6.33 -14.99 -17.40
N THR A 245 6.56 -14.64 -18.65
CA THR A 245 7.89 -14.40 -19.18
C THR A 245 8.52 -13.17 -18.54
N LEU A 246 7.74 -12.09 -18.49
CA LEU A 246 8.19 -10.86 -17.87
C LEU A 246 6.96 -10.20 -17.24
N ASP A 247 6.96 -10.00 -15.92
CA ASP A 247 5.75 -9.54 -15.25
C ASP A 247 5.37 -8.11 -15.64
N THR A 248 4.11 -7.74 -15.38
CA THR A 248 3.59 -6.47 -15.88
C THR A 248 4.22 -5.22 -15.24
N TYR A 249 4.69 -5.31 -13.99
CA TYR A 249 5.47 -4.21 -13.39
C TYR A 249 6.71 -3.90 -14.22
N GLN A 250 7.48 -4.95 -14.52
CA GLN A 250 8.65 -4.81 -15.39
C GLN A 250 8.27 -4.28 -16.78
N ARG A 251 7.14 -4.76 -17.32
CA ARG A 251 6.75 -4.31 -18.66
C ARG A 251 6.31 -2.83 -18.63
N TRP A 252 5.67 -2.42 -17.55
CA TRP A 252 5.37 -1.00 -17.32
C TRP A 252 6.67 -0.17 -17.31
N LEU A 253 7.70 -0.64 -16.59
CA LEU A 253 8.99 0.06 -16.51
C LEU A 253 9.60 0.24 -17.88
N ARG A 254 9.47 -0.78 -18.73
CA ARG A 254 10.08 -0.73 -20.06
C ARG A 254 9.24 0.06 -21.09
N GLY A 255 8.12 0.62 -20.65
CA GLY A 255 7.27 1.40 -21.54
C GLY A 255 6.33 0.59 -22.42
N GLN A 256 5.93 -0.60 -21.97
CA GLN A 256 5.07 -1.46 -22.77
C GLN A 256 3.57 -1.33 -22.43
N LEU A 257 3.25 -0.63 -21.34
CA LEU A 257 1.86 -0.55 -20.87
C LEU A 257 1.31 0.86 -20.76
N GLY A 258 0.07 1.04 -21.23
CA GLY A 258 -0.62 2.31 -21.08
C GLY A 258 -0.77 2.72 -19.63
N PHE A 259 -1.21 1.76 -18.79
CA PHE A 259 -1.64 2.06 -17.44
C PHE A 259 -0.99 1.16 -16.42
N PHE A 260 -0.58 1.74 -15.30
CA PHE A 260 -0.10 0.94 -14.18
C PHE A 260 -0.18 1.79 -12.92
N PRO A 261 -0.41 1.15 -11.77
CA PRO A 261 -0.43 1.94 -10.55
C PRO A 261 0.90 2.55 -10.21
N VAL A 262 0.84 3.57 -9.35
CA VAL A 262 2.02 4.25 -8.84
C VAL A 262 1.81 4.54 -7.35
N GLY A 263 2.71 4.03 -6.51
CA GLY A 263 2.76 4.40 -5.12
C GLY A 263 3.91 5.37 -4.94
N PRO A 264 3.86 6.21 -3.89
CA PRO A 264 4.99 7.13 -3.68
C PRO A 264 6.32 6.38 -3.44
N TRP A 265 6.25 5.12 -3.00
CA TRP A 265 7.44 4.32 -2.80
C TRP A 265 8.05 3.86 -4.13
N ASP A 266 7.30 3.95 -5.21
CA ASP A 266 7.84 3.62 -6.52
C ASP A 266 8.68 4.71 -7.13
N LEU A 267 8.54 5.92 -6.60
CA LEU A 267 9.03 7.08 -7.33
C LEU A 267 10.53 6.99 -7.59
N ALA A 268 11.30 6.55 -6.60
CA ALA A 268 12.74 6.36 -6.74
C ALA A 268 13.07 5.33 -7.83
N ALA A 269 12.47 4.14 -7.74
CA ALA A 269 12.69 3.13 -8.78
C ALA A 269 12.30 3.67 -10.14
N PHE A 270 11.22 4.45 -10.20
CA PHE A 270 10.78 4.95 -11.48
C PHE A 270 11.72 6.03 -12.00
N ASP A 271 12.26 6.83 -11.08
CA ASP A 271 13.24 7.85 -11.44
C ASP A 271 14.40 7.19 -12.18
N GLN A 272 14.75 5.99 -11.74
CA GLN A 272 15.90 5.27 -12.24
C GLN A 272 15.66 4.51 -13.54
N GLN A 273 14.45 4.02 -13.73
CA GLN A 273 14.21 3.03 -14.76
C GLN A 273 13.23 3.48 -15.84
N ILE A 274 12.30 4.35 -15.49
CA ILE A 274 11.29 4.76 -16.46
C ILE A 274 11.79 5.94 -17.26
N LYS A 275 11.74 5.81 -18.59
CA LYS A 275 12.25 6.83 -19.52
C LYS A 275 11.12 7.55 -20.25
N PHE A 276 9.91 7.01 -20.19
CA PHE A 276 8.77 7.69 -20.78
C PHE A 276 8.18 8.71 -19.80
N GLU A 277 7.45 9.68 -20.33
CA GLU A 277 6.73 10.63 -19.49
C GLU A 277 5.45 9.96 -18.98
N TYR A 278 5.17 10.08 -17.69
CA TYR A 278 3.94 9.48 -17.17
C TYR A 278 3.34 10.43 -16.17
N ASP A 279 2.06 10.24 -15.88
CA ASP A 279 1.38 11.11 -14.93
C ASP A 279 0.26 10.33 -14.25
N LEU A 280 -0.37 10.97 -13.26
CA LEU A 280 -1.35 10.30 -12.40
C LEU A 280 -2.78 10.73 -12.70
N ILE A 281 -3.71 9.79 -12.55
CA ILE A 281 -5.14 10.04 -12.79
C ILE A 281 -5.99 9.28 -11.81
N PRO A 282 -7.28 9.64 -11.70
CA PRO A 282 -8.18 8.79 -10.92
C PRO A 282 -8.30 7.41 -11.52
N TRP A 283 -8.56 6.43 -10.67
CA TRP A 283 -8.86 5.09 -11.15
C TRP A 283 -10.21 5.11 -11.86
N PRO A 284 -10.37 4.24 -12.87
CA PRO A 284 -11.66 4.13 -13.56
C PRO A 284 -12.76 3.78 -12.54
N ALA A 285 -13.92 4.41 -12.68
CA ALA A 285 -14.98 4.23 -11.69
C ALA A 285 -16.08 3.30 -12.18
N GLY A 286 -16.51 2.38 -11.31
CA GLY A 286 -17.63 1.51 -11.61
C GLY A 286 -18.99 2.15 -11.30
N SER A 287 -19.95 1.32 -10.92
CA SER A 287 -21.34 1.76 -10.78
C SER A 287 -21.55 2.99 -9.87
N THR A 288 -20.68 3.19 -8.88
CA THR A 288 -20.80 4.38 -8.03
C THR A 288 -20.39 5.67 -8.75
N GLY A 289 -19.61 5.55 -9.82
CA GLY A 289 -19.12 6.73 -10.54
C GLY A 289 -18.04 7.48 -9.79
N LYS A 290 -17.80 7.12 -8.53
CA LYS A 290 -16.66 7.65 -7.79
C LYS A 290 -15.47 6.69 -7.86
N PRO A 291 -14.26 7.23 -8.12
CA PRO A 291 -13.09 6.36 -8.13
C PRO A 291 -12.77 5.89 -6.72
N ALA A 292 -12.12 4.73 -6.63
CA ALA A 292 -11.67 4.19 -5.37
C ALA A 292 -10.27 3.57 -5.54
N THR A 293 -9.51 3.56 -4.45
CA THR A 293 -8.25 2.82 -4.35
C THR A 293 -7.86 2.76 -2.89
N TRP A 294 -6.72 2.17 -2.57
CA TRP A 294 -6.35 2.13 -1.16
C TRP A 294 -5.33 3.19 -0.79
N VAL A 295 -5.32 3.52 0.50
CA VAL A 295 -4.23 4.29 1.11
C VAL A 295 -3.58 3.37 2.10
N GLY A 296 -2.38 2.89 1.78
CA GLY A 296 -1.71 1.99 2.70
C GLY A 296 -1.06 2.74 3.84
N SER A 297 -0.60 1.99 4.83
CA SER A 297 0.29 2.55 5.81
C SER A 297 1.04 1.45 6.52
N LEU A 298 2.23 1.80 6.99
CA LEU A 298 2.98 0.91 7.86
C LEU A 298 3.18 1.62 9.18
N GLY A 299 3.21 0.85 10.27
CA GLY A 299 3.53 1.40 11.57
C GLY A 299 5.01 1.24 11.88
N ILE A 300 5.57 2.21 12.60
CA ILE A 300 6.89 2.05 13.18
C ILE A 300 6.67 1.85 14.69
N GLY A 301 6.97 0.67 15.20
CA GLY A 301 6.66 0.34 16.59
C GLY A 301 7.92 0.15 17.41
N VAL A 302 7.82 0.22 18.73
CA VAL A 302 9.00 -0.11 19.51
C VAL A 302 8.65 -1.27 20.44
N SER A 303 9.62 -2.17 20.61
CA SER A 303 9.39 -3.35 21.41
C SER A 303 8.99 -2.96 22.82
N SER A 304 7.91 -3.57 23.28
CA SER A 304 7.46 -3.36 24.64
C SER A 304 8.60 -3.73 25.59
N MET A 305 9.52 -4.57 25.13
CA MET A 305 10.60 -5.05 25.96
C MET A 305 11.94 -4.39 25.65
N THR A 306 11.95 -3.29 24.92
CA THR A 306 13.24 -2.68 24.60
C THR A 306 13.93 -2.20 25.86
N LYS A 307 15.25 -2.33 25.87
CA LYS A 307 16.08 -1.82 26.96
C LYS A 307 16.29 -0.31 26.85
N HIS A 308 15.93 0.27 25.71
CA HIS A 308 16.15 1.69 25.50
C HIS A 308 14.94 2.38 24.87
N PRO A 309 13.84 2.48 25.63
CA PRO A 309 12.61 3.10 25.13
C PRO A 309 12.82 4.52 24.59
N LYS A 310 13.55 5.37 25.30
CA LYS A 310 13.76 6.76 24.86
C LYS A 310 14.45 6.82 23.49
N GLU A 311 15.59 6.13 23.38
CA GLU A 311 16.35 6.12 22.14
C GLU A 311 15.60 5.41 21.00
N ALA A 312 14.85 4.35 21.35
CA ALA A 312 14.06 3.63 20.35
C ALA A 312 12.96 4.51 19.75
N VAL A 313 12.27 5.25 20.62
CA VAL A 313 11.23 6.18 20.20
C VAL A 313 11.86 7.32 19.39
N GLU A 314 13.09 7.69 19.74
CA GLU A 314 13.79 8.74 19.05
C GLU A 314 14.06 8.35 17.60
N LEU A 315 14.39 7.08 17.39
CA LEU A 315 14.61 6.57 16.03
C LEU A 315 13.30 6.51 15.25
N ALA A 316 12.24 6.05 15.89
CA ALA A 316 10.92 5.99 15.28
C ALA A 316 10.45 7.38 14.91
N LEU A 317 10.64 8.31 15.85
CA LEU A 317 10.26 9.71 15.62
C LEU A 317 11.06 10.32 14.49
N TYR A 318 12.35 10.00 14.44
CA TYR A 318 13.21 10.53 13.41
C TYR A 318 12.74 10.09 12.01
N LEU A 319 12.36 8.82 11.90
CA LEU A 319 11.91 8.28 10.64
C LEU A 319 10.52 8.75 10.26
N SER A 320 9.68 8.94 11.27
CA SER A 320 8.26 9.23 11.04
C SER A 320 7.92 10.71 10.97
N ALA A 321 8.47 11.51 11.88
CA ALA A 321 7.96 12.86 12.07
C ALA A 321 9.03 13.96 12.02
N ASP A 322 10.29 13.59 12.27
CA ASP A 322 11.35 14.59 12.31
C ASP A 322 11.55 15.24 10.93
N PRO A 323 11.46 16.58 10.89
CA PRO A 323 11.53 17.37 9.64
C PRO A 323 12.73 16.98 8.76
N GLU A 324 13.88 16.87 9.39
CA GLU A 324 15.12 16.49 8.73
C GLU A 324 15.10 15.03 8.26
N GLY A 325 14.61 14.15 9.12
CA GLY A 325 14.48 12.74 8.77
C GLY A 325 13.48 12.55 7.63
N GLN A 326 12.28 13.07 7.83
CA GLN A 326 11.28 13.14 6.77
C GLN A 326 11.81 13.77 5.47
N LYS A 327 12.60 14.84 5.58
CA LYS A 327 13.06 15.52 4.37
C LYS A 327 13.94 14.59 3.57
N ALA A 328 14.74 13.80 4.28
CA ALA A 328 15.70 12.95 3.59
C ALA A 328 14.97 11.83 2.86
N LEU A 329 13.88 11.34 3.44
CA LEU A 329 13.12 10.27 2.81
C LEU A 329 12.35 10.79 1.58
N VAL A 330 11.80 11.99 1.69
CA VAL A 330 11.06 12.57 0.59
C VAL A 330 12.04 12.91 -0.52
N ASP A 331 13.18 13.49 -0.15
CA ASP A 331 14.24 13.79 -1.14
C ASP A 331 14.63 12.55 -1.91
N GLN A 332 14.66 11.41 -1.22
CA GLN A 332 15.07 10.15 -1.84
C GLN A 332 13.92 9.41 -2.52
N ARG A 333 12.77 10.06 -2.58
CA ARG A 333 11.65 9.62 -3.42
C ARG A 333 11.11 8.21 -3.06
N VAL A 334 10.92 7.94 -1.78
CA VAL A 334 10.34 6.67 -1.35
C VAL A 334 9.03 6.89 -0.60
N GLN A 335 8.70 8.14 -0.32
CA GLN A 335 7.37 8.50 0.16
C GLN A 335 7.01 9.96 0.00
N LEU A 336 5.73 10.27 0.23
CA LEU A 336 5.31 11.67 0.30
C LEU A 336 5.44 12.11 1.77
N PRO A 337 5.55 13.42 2.02
CA PRO A 337 5.76 13.91 3.39
C PRO A 337 4.61 13.55 4.37
N ASN A 338 4.98 13.12 5.57
CA ASN A 338 4.02 12.85 6.63
C ASN A 338 3.41 14.10 7.23
N SER A 339 4.12 15.22 7.10
CA SER A 339 3.54 16.50 7.50
C SER A 339 2.63 17.02 6.41
N VAL A 340 1.38 17.28 6.77
CA VAL A 340 0.35 17.66 5.81
C VAL A 340 0.68 18.93 5.04
N LYS A 341 1.16 19.94 5.72
CA LYS A 341 1.44 21.20 5.06
C LYS A 341 2.63 21.02 4.11
N VAL A 342 3.61 20.22 4.51
CA VAL A 342 4.75 19.94 3.65
C VAL A 342 4.31 19.19 2.39
N ALA A 343 3.41 18.23 2.59
CA ALA A 343 2.86 17.45 1.48
C ALA A 343 2.16 18.35 0.47
N GLU A 344 1.39 19.32 0.98
CA GLU A 344 0.64 20.25 0.14
C GLU A 344 1.55 21.17 -0.68
N GLU A 345 2.61 21.68 -0.07
CA GLU A 345 3.53 22.50 -0.85
C GLU A 345 4.36 21.58 -1.77
N TRP A 346 4.67 20.37 -1.31
CA TRP A 346 5.29 19.34 -2.17
C TRP A 346 4.47 19.11 -3.44
N ALA A 347 3.17 18.95 -3.27
CA ALA A 347 2.28 18.61 -4.38
C ALA A 347 2.20 19.74 -5.40
N LYS A 348 2.33 20.97 -4.91
CA LYS A 348 2.18 22.16 -5.74
C LYS A 348 3.47 22.53 -6.47
N ASP A 349 4.56 21.86 -6.12
CA ASP A 349 5.86 22.10 -6.73
C ASP A 349 5.91 21.40 -8.09
N PRO A 350 5.88 22.20 -9.18
CA PRO A 350 5.86 21.68 -10.56
C PRO A 350 7.17 21.05 -11.04
N SER A 351 8.27 21.24 -10.31
CA SER A 351 9.56 20.69 -10.76
C SER A 351 9.75 19.23 -10.28
N ILE A 352 8.84 18.77 -9.44
CA ILE A 352 8.83 17.39 -8.97
C ILE A 352 7.72 16.63 -9.70
N LYS A 353 8.09 15.64 -10.49
CA LYS A 353 7.11 14.89 -11.26
C LYS A 353 6.65 13.73 -10.39
N PRO A 354 5.51 13.09 -10.71
CA PRO A 354 4.54 13.42 -11.78
C PRO A 354 3.83 14.77 -11.59
N ALA A 355 3.44 15.38 -12.69
CA ALA A 355 2.73 16.66 -12.66
C ALA A 355 1.52 16.59 -11.72
N ASN A 356 0.71 15.56 -11.87
CA ASN A 356 -0.46 15.42 -10.99
C ASN A 356 -0.13 14.65 -9.71
N LYS A 357 0.91 15.09 -9.00
CA LYS A 357 1.24 14.59 -7.64
C LYS A 357 0.04 14.71 -6.71
N GLN A 358 -0.73 15.78 -6.93
CA GLN A 358 -1.88 16.12 -6.11
C GLN A 358 -2.83 14.93 -5.94
N GLU A 359 -2.84 14.03 -6.93
CA GLU A 359 -3.71 12.86 -6.89
C GLU A 359 -3.46 12.01 -5.64
N PHE A 360 -2.18 11.89 -5.26
CA PHE A 360 -1.81 11.19 -4.03
C PHE A 360 -2.59 11.76 -2.84
N LEU A 361 -2.64 13.09 -2.76
CA LEU A 361 -3.29 13.77 -1.66
C LEU A 361 -4.80 13.59 -1.74
N ASP A 362 -5.34 13.81 -2.93
CA ASP A 362 -6.75 13.55 -3.21
C ASP A 362 -7.16 12.13 -2.78
N ILE A 363 -6.30 11.14 -3.05
CA ILE A 363 -6.59 9.76 -2.59
C ILE A 363 -6.68 9.75 -1.06
N ILE A 364 -5.65 10.26 -0.40
CA ILE A 364 -5.65 10.37 1.06
C ILE A 364 -6.89 11.12 1.63
N ASN A 365 -7.26 12.25 1.04
CA ASN A 365 -8.37 13.05 1.54
C ASN A 365 -9.76 12.61 1.06
N ASP A 366 -9.89 12.27 -0.23
CA ASP A 366 -11.21 12.09 -0.83
C ASP A 366 -11.64 10.64 -1.02
N TYR A 367 -10.84 9.82 -1.73
CA TYR A 367 -11.37 8.54 -2.18
C TYR A 367 -10.53 7.28 -1.97
N GLY A 368 -9.52 7.37 -1.13
CA GLY A 368 -8.75 6.20 -0.77
C GLY A 368 -9.46 5.50 0.38
N HIS A 369 -9.35 4.19 0.44
CA HIS A 369 -9.92 3.44 1.56
C HIS A 369 -8.82 2.67 2.25
N SER A 370 -9.16 2.04 3.37
CA SER A 370 -8.24 1.12 4.03
C SER A 370 -8.43 -0.29 3.49
N PHE A 371 -7.38 -1.11 3.54
CA PHE A 371 -7.54 -2.55 3.32
C PHE A 371 -8.53 -3.06 4.36
N PRO A 372 -9.42 -3.97 3.94
CA PRO A 372 -10.41 -4.64 4.80
C PRO A 372 -9.77 -5.20 6.05
N THR A 373 -8.52 -5.64 5.96
CA THR A 373 -7.87 -6.32 7.07
C THR A 373 -7.48 -5.35 8.17
N GLU A 374 -7.50 -4.06 7.86
CA GLU A 374 -7.20 -3.08 8.91
C GLU A 374 -8.31 -3.08 9.97
N TYR A 375 -9.50 -3.53 9.58
CA TYR A 375 -10.66 -3.58 10.48
C TYR A 375 -10.82 -4.88 11.26
N THR A 376 -10.09 -5.91 10.89
CA THR A 376 -10.28 -7.22 11.52
C THR A 376 -9.08 -7.58 12.41
N TYR A 377 -9.25 -8.57 13.28
CA TYR A 377 -8.24 -8.88 14.28
C TYR A 377 -6.97 -9.47 13.65
N ASN A 378 -7.15 -10.27 12.61
CA ASN A 378 -6.05 -10.69 11.76
C ASN A 378 -6.56 -10.74 10.33
N GLY A 379 -5.67 -10.97 9.37
CA GLY A 379 -6.05 -10.93 7.96
C GLY A 379 -6.15 -12.26 7.22
N GLU A 380 -6.06 -13.36 7.98
CA GLU A 380 -6.11 -14.70 7.37
C GLU A 380 -7.31 -14.90 6.46
N TRP A 381 -8.50 -14.45 6.90
CA TRP A 381 -9.73 -14.60 6.10
C TRP A 381 -9.55 -13.98 4.72
N TYR A 382 -8.79 -12.90 4.67
CA TYR A 382 -8.58 -12.16 3.43
C TYR A 382 -7.49 -12.82 2.61
N ASP A 383 -6.46 -13.33 3.28
CA ASP A 383 -5.38 -14.02 2.57
C ASP A 383 -5.93 -15.25 1.85
N GLU A 384 -6.94 -15.88 2.45
CA GLU A 384 -7.56 -17.03 1.81
C GLU A 384 -8.23 -16.67 0.49
N PHE A 385 -8.85 -15.50 0.43
CA PHE A 385 -9.45 -15.07 -0.84
C PHE A 385 -8.40 -15.05 -1.94
N TYR A 386 -7.23 -14.49 -1.64
CA TYR A 386 -6.22 -14.36 -2.70
C TYR A 386 -5.45 -15.63 -2.95
N ARG A 387 -5.30 -16.46 -1.93
CA ARG A 387 -4.58 -17.72 -2.07
C ARG A 387 -5.05 -18.53 -3.27
N ASN A 388 -6.36 -18.59 -3.51
CA ASN A 388 -6.83 -19.45 -4.59
C ASN A 388 -7.50 -18.68 -5.74
N LEU A 389 -7.04 -17.44 -5.95
CA LEU A 389 -7.70 -16.54 -6.87
C LEU A 389 -7.29 -16.78 -8.31
N GLN A 390 -6.06 -17.29 -8.48
CA GLN A 390 -5.43 -17.29 -9.79
C GLN A 390 -6.24 -18.01 -10.88
N PRO A 391 -6.92 -19.13 -10.57
CA PRO A 391 -7.78 -19.66 -11.64
C PRO A 391 -8.86 -18.69 -12.18
N VAL A 392 -9.44 -17.84 -11.32
CA VAL A 392 -10.37 -16.84 -11.82
C VAL A 392 -9.61 -15.89 -12.71
N LEU A 393 -8.46 -15.46 -12.21
CA LEU A 393 -7.64 -14.47 -12.89
C LEU A 393 -7.24 -14.98 -14.26
N ASP A 394 -7.05 -16.31 -14.37
CA ASP A 394 -6.66 -16.86 -15.66
C ASP A 394 -7.80 -17.52 -16.44
N GLY A 395 -9.03 -17.18 -16.07
CA GLY A 395 -10.16 -17.55 -16.90
C GLY A 395 -10.55 -19.02 -16.83
N LYS A 396 -10.11 -19.72 -15.81
CA LYS A 396 -10.42 -21.15 -15.70
C LYS A 396 -11.65 -21.37 -14.82
N MET A 397 -11.97 -20.36 -14.03
CA MET A 397 -13.06 -20.43 -13.09
C MET A 397 -13.73 -19.08 -13.14
N SER A 398 -15.06 -19.06 -13.08
CA SER A 398 -15.78 -17.80 -13.07
C SER A 398 -15.67 -17.13 -11.70
N ALA A 399 -15.72 -15.80 -11.69
CA ALA A 399 -15.71 -15.05 -10.44
C ALA A 399 -16.86 -15.52 -9.55
N GLU A 400 -17.99 -15.83 -10.17
CA GLU A 400 -19.16 -16.23 -9.39
C GLU A 400 -18.95 -17.55 -8.65
N GLU A 401 -18.36 -18.51 -9.34
CA GLU A 401 -18.13 -19.83 -8.76
C GLU A 401 -17.03 -19.78 -7.68
N TYR A 402 -16.01 -18.96 -7.89
CA TYR A 402 -14.96 -18.90 -6.88
C TYR A 402 -15.45 -18.26 -5.58
N VAL A 403 -16.13 -17.13 -5.66
CA VAL A 403 -16.48 -16.44 -4.41
C VAL A 403 -17.52 -17.23 -3.60
N LYS A 404 -18.32 -18.06 -4.25
CA LYS A 404 -19.25 -18.94 -3.53
C LYS A 404 -18.47 -20.02 -2.80
N LYS A 405 -17.40 -20.49 -3.43
CA LYS A 405 -16.53 -21.50 -2.84
C LYS A 405 -15.68 -20.88 -1.72
N ALA A 406 -15.20 -19.66 -1.94
CA ALA A 406 -14.27 -19.05 -0.99
C ALA A 406 -14.98 -18.54 0.26
N LYS A 407 -16.22 -18.07 0.09
CA LYS A 407 -16.91 -17.36 1.16
C LYS A 407 -16.99 -18.16 2.47
N PRO A 408 -17.41 -19.44 2.42
CA PRO A 408 -17.50 -20.08 3.73
C PRO A 408 -16.13 -20.28 4.37
N LYS A 409 -15.07 -20.44 3.57
CA LYS A 409 -13.73 -20.62 4.13
C LYS A 409 -13.29 -19.33 4.76
N MET A 410 -13.43 -18.24 4.01
CA MET A 410 -13.15 -16.91 4.52
C MET A 410 -13.94 -16.62 5.80
N GLN A 411 -15.25 -16.88 5.77
CA GLN A 411 -16.10 -16.56 6.91
C GLN A 411 -15.69 -17.32 8.17
N LYS A 412 -15.40 -18.62 8.05
CA LYS A 412 -14.88 -19.40 9.18
C LYS A 412 -13.68 -18.68 9.79
N LEU A 413 -12.74 -18.27 8.94
CA LEU A 413 -11.53 -17.58 9.38
C LEU A 413 -11.83 -16.23 10.03
N LEU A 414 -12.81 -15.50 9.49
CA LEU A 414 -13.20 -14.22 10.07
C LEU A 414 -13.78 -14.46 11.45
N ASP A 415 -14.65 -15.46 11.58
CA ASP A 415 -15.24 -15.82 12.84
C ASP A 415 -14.17 -16.10 13.89
N GLN A 416 -13.14 -16.84 13.48
CA GLN A 416 -12.07 -17.16 14.42
C GLN A 416 -11.29 -15.91 14.84
N ALA A 417 -11.06 -15.00 13.90
CA ALA A 417 -10.37 -13.75 14.24
C ALA A 417 -11.22 -12.93 15.21
N ILE A 418 -12.54 -12.93 15.01
CA ILE A 418 -13.45 -12.27 15.94
C ILE A 418 -13.46 -12.94 17.34
N GLU A 419 -13.50 -14.27 17.35
CA GLU A 419 -13.43 -14.99 18.62
C GLU A 419 -12.12 -14.74 19.35
N GLN A 420 -11.04 -14.71 18.59
CA GLN A 420 -9.73 -14.65 19.21
C GLN A 420 -9.45 -13.25 19.75
N GLU A 421 -10.08 -12.24 19.17
CA GLU A 421 -10.06 -10.87 19.71
C GLU A 421 -10.86 -10.76 21.00
N LYS A 422 -11.89 -11.59 21.12
CA LYS A 422 -12.61 -11.70 22.38
C LYS A 422 -11.69 -12.31 23.43
N GLN A 423 -11.11 -13.45 23.09
CA GLN A 423 -10.26 -14.19 24.01
C GLN A 423 -9.06 -13.37 24.46
N ALA A 424 -8.25 -12.98 23.49
CA ALA A 424 -6.94 -12.42 23.77
C ALA A 424 -7.02 -11.09 24.52
N SER A 425 -8.21 -10.47 24.54
CA SER A 425 -8.38 -9.16 25.16
C SER A 425 -9.03 -9.22 26.54
N LYS A 426 -9.28 -10.43 27.04
CA LYS A 426 -9.96 -10.63 28.32
C LYS A 426 -9.04 -10.32 29.49
#